data_1PFX
#
_entry.id   1PFX
#
_cell.length_a   128.750
_cell.length_b   128.750
_cell.length_c   77.200
_cell.angle_alpha   90.00
_cell.angle_beta   90.00
_cell.angle_gamma   90.00
#
_symmetry.space_group_name_H-M   'P 41 21 2'
#
loop_
_entity.id
_entity.type
_entity.pdbx_description
1 polymer 'FACTOR IXA'
2 polymer 'FACTOR IXA'
3 non-polymer D-phenylalanyl-N-[(2S,3S)-6-{[amino(iminio)methyl]amino}-1-chloro-2-hydroxyhexan-3-yl]-L-prolinamide
#
loop_
_entity_poly.entity_id
_entity_poly.type
_entity_poly.pdbx_seq_one_letter_code
_entity_poly.pdbx_strand_id
1 'polypeptide(L)'
;IVGGENAKPGQFPWQVLLNGKIDAFCGGSIINEKWVVTAAHCIEPGVKITVVAGEYNTEETEPTEQRRNVIRAIPHHSYN
ATVNKYSHDIALLELDEPLTLNSYVTPICIADKEYTNIFLKFGSGYVSGWGRVFNRGRSATILQYLKVPLVDRATCLRST
KFTIYSNMFCAGFHEGGKDSCQGDSGGPHVTEVEGTSFLTGIISWGEECAVKGKYGIYTKVSRYVNWIKEKTKLT
;
C
2 'polypeptide(L)'
;YNSGKL(CGU)(CGU)FVRGNL(CGU)R(CGU)CI(CGU)(CGU)KCSF(CGU)(CGU)AR(CGU)VF(CGU)NT(CGU)
KTN(CGU)FWKQYVDGDQCEPNPCLNGGLCK(BHD)DINSYECWCQVGFEGKNCELDATCNIKNGRCKQFCKTGADSKVL
CSCTTGYRLAPDQKSCKPAVPFPCGRVSVSHSPTTLTR
;
L
#
loop_
_chem_comp.id
_chem_comp.type
_chem_comp.name
_chem_comp.formula
0G6 peptide-like D-phenylalanyl-N-[(2S,3S)-6-{[amino(iminio)methyl]amino}-1-chloro-2-hydroxyhexan-3-yl]-L-prolinamide 'C21 H34 Cl N6 O3 1'
#
# COMPACT_ATOMS: atom_id res chain seq x y z
N ILE A 1 -7.51 20.91 -2.03
CA ILE A 1 -6.48 20.62 -1.00
C ILE A 1 -5.63 21.87 -0.77
N VAL A 2 -5.67 22.40 0.45
CA VAL A 2 -4.94 23.61 0.79
C VAL A 2 -3.50 23.33 1.19
N GLY A 3 -2.56 24.00 0.52
CA GLY A 3 -1.16 23.83 0.83
C GLY A 3 -0.54 22.51 0.38
N GLY A 4 -1.21 21.81 -0.52
CA GLY A 4 -0.67 20.55 -1.01
C GLY A 4 0.24 20.77 -2.21
N GLU A 5 0.35 19.74 -3.04
CA GLU A 5 1.17 19.80 -4.24
C GLU A 5 0.41 19.07 -5.35
N ASN A 6 0.77 19.35 -6.60
CA ASN A 6 0.14 18.72 -7.76
C ASN A 6 0.61 17.28 -7.91
N ALA A 7 -0.33 16.39 -8.19
CA ALA A 7 -0.01 14.98 -8.34
C ALA A 7 0.37 14.65 -9.78
N LYS A 8 1.18 13.62 -9.98
CA LYS A 8 1.57 13.22 -11.31
C LYS A 8 0.48 12.30 -11.88
N PRO A 9 0.13 12.48 -13.16
CA PRO A 9 -0.91 11.66 -13.81
C PRO A 9 -0.59 10.19 -13.70
N GLY A 10 -1.53 9.42 -13.16
CA GLY A 10 -1.32 7.99 -13.01
C GLY A 10 -0.86 7.63 -11.62
N GLN A 11 -0.52 8.63 -10.82
CA GLN A 11 -0.05 8.42 -9.45
C GLN A 11 -1.16 7.98 -8.50
N PHE A 12 -2.42 8.22 -8.87
CA PHE A 12 -3.54 7.83 -8.02
C PHE A 12 -4.66 7.13 -8.82
N PRO A 13 -4.45 5.85 -9.17
CA PRO A 13 -5.36 4.99 -9.92
C PRO A 13 -6.74 4.70 -9.31
N TRP A 14 -7.00 5.22 -8.12
CA TRP A 14 -8.29 4.99 -7.45
C TRP A 14 -9.02 6.31 -7.21
N GLN A 15 -8.27 7.40 -7.31
CA GLN A 15 -8.79 8.75 -7.14
C GLN A 15 -9.83 8.98 -8.22
N VAL A 16 -11.07 9.20 -7.81
CA VAL A 16 -12.15 9.43 -8.74
C VAL A 16 -12.74 10.81 -8.50
N LEU A 17 -13.18 11.47 -9.58
CA LEU A 17 -13.80 12.79 -9.49
C LEU A 17 -15.29 12.55 -9.56
N LEU A 18 -16.05 13.19 -8.67
CA LEU A 18 -17.50 13.01 -8.66
C LEU A 18 -18.19 14.25 -9.17
N ASN A 19 -18.77 14.14 -10.36
CA ASN A 19 -19.51 15.24 -10.95
C ASN A 19 -20.98 15.00 -10.70
N GLY A 20 -21.68 16.07 -10.36
CA GLY A 20 -23.12 15.97 -10.10
C GLY A 20 -23.68 17.35 -10.27
N LYS A 21 -24.67 17.71 -9.46
CA LYS A 21 -25.25 19.04 -9.54
C LYS A 21 -24.05 19.97 -9.32
N ILE A 22 -23.71 20.72 -10.36
CA ILE A 22 -22.59 21.66 -10.34
C ILE A 22 -21.18 21.08 -10.58
N ASP A 23 -21.02 19.75 -10.49
CA ASP A 23 -19.74 19.08 -10.70
C ASP A 23 -18.71 19.24 -9.58
N ALA A 24 -17.59 18.50 -9.71
CA ALA A 24 -16.47 18.50 -8.78
C ALA A 24 -16.81 18.84 -7.35
N PHE A 25 -17.92 18.27 -6.87
CA PHE A 25 -18.41 18.54 -5.52
C PHE A 25 -17.90 17.51 -4.51
N CYS A 26 -17.35 16.41 -5.02
CA CYS A 26 -16.82 15.36 -4.16
C CYS A 26 -15.88 14.45 -4.95
N GLY A 27 -15.12 13.66 -4.22
CA GLY A 27 -14.20 12.73 -4.81
C GLY A 27 -14.68 11.36 -4.40
N GLY A 28 -13.90 10.34 -4.72
CA GLY A 28 -14.29 8.99 -4.37
C GLY A 28 -13.10 8.11 -4.59
N SER A 29 -13.25 6.83 -4.29
CA SER A 29 -12.17 5.85 -4.45
C SER A 29 -12.71 4.52 -4.93
N ILE A 30 -12.13 4.02 -6.00
CA ILE A 30 -12.59 2.79 -6.60
C ILE A 30 -12.37 1.56 -5.73
N ILE A 31 -13.46 0.93 -5.29
CA ILE A 31 -13.35 -0.30 -4.52
C ILE A 31 -13.09 -1.39 -5.55
N ASN A 32 -13.75 -1.30 -6.70
CA ASN A 32 -13.55 -2.27 -7.77
C ASN A 32 -14.36 -1.86 -9.01
N GLU A 33 -14.01 -2.43 -10.15
CA GLU A 33 -14.63 -2.14 -11.47
C GLU A 33 -16.05 -1.58 -11.54
N LYS A 34 -16.93 -2.03 -10.66
CA LYS A 34 -18.33 -1.60 -10.67
C LYS A 34 -18.76 -0.59 -9.61
N TRP A 35 -18.21 -0.72 -8.40
CA TRP A 35 -18.56 0.13 -7.27
C TRP A 35 -17.48 1.09 -6.74
N VAL A 36 -17.76 2.39 -6.65
CA VAL A 36 -16.76 3.31 -6.08
C VAL A 36 -17.20 3.62 -4.64
N VAL A 37 -16.35 4.32 -3.88
CA VAL A 37 -16.72 4.68 -2.51
C VAL A 37 -16.54 6.19 -2.35
N THR A 38 -17.35 6.77 -1.47
CA THR A 38 -17.32 8.19 -1.21
C THR A 38 -18.06 8.44 0.11
N ALA A 39 -18.10 9.69 0.55
CA ALA A 39 -18.77 10.04 1.79
C ALA A 39 -20.28 10.29 1.60
N ALA A 40 -21.08 9.76 2.52
CA ALA A 40 -22.54 9.89 2.49
C ALA A 40 -23.03 11.31 2.26
N HIS A 41 -22.36 12.28 2.86
CA HIS A 41 -22.78 13.68 2.70
C HIS A 41 -22.57 14.26 1.28
N CYS A 42 -22.35 13.41 0.30
CA CYS A 42 -22.19 13.85 -1.08
C CYS A 42 -23.44 13.49 -1.86
N ILE A 43 -24.22 12.57 -1.30
CA ILE A 43 -25.43 12.11 -1.95
C ILE A 43 -26.58 13.10 -1.75
N GLU A 44 -26.73 14.05 -2.67
CA GLU A 44 -27.81 15.04 -2.60
C GLU A 44 -29.05 14.41 -3.25
N PRO A 45 -30.16 14.33 -2.49
CA PRO A 45 -31.41 13.75 -2.97
C PRO A 45 -31.87 14.26 -4.33
N GLY A 46 -32.06 13.35 -5.26
CA GLY A 46 -32.53 13.73 -6.57
C GLY A 46 -31.54 14.23 -7.61
N VAL A 47 -30.23 14.08 -7.41
CA VAL A 47 -29.29 14.51 -8.45
C VAL A 47 -28.65 13.29 -9.08
N LYS A 48 -28.20 13.43 -10.32
CA LYS A 48 -27.56 12.33 -11.02
C LYS A 48 -26.04 12.51 -10.95
N ILE A 49 -25.35 11.50 -10.43
CA ILE A 49 -23.89 11.56 -10.29
C ILE A 49 -23.14 10.73 -11.31
N THR A 50 -22.07 11.31 -11.82
CA THR A 50 -21.22 10.66 -12.80
C THR A 50 -19.79 10.58 -12.27
N VAL A 51 -19.30 9.36 -12.09
CA VAL A 51 -17.93 9.18 -11.59
C VAL A 51 -17.02 9.49 -12.78
N VAL A 52 -15.90 10.15 -12.51
CA VAL A 52 -14.98 10.51 -13.58
C VAL A 52 -13.61 9.87 -13.37
N ALA A 53 -13.59 8.53 -13.46
CA ALA A 53 -12.34 7.78 -13.29
C ALA A 53 -11.27 8.30 -14.27
N GLY A 54 -10.01 8.10 -13.93
CA GLY A 54 -8.96 8.53 -14.83
C GLY A 54 -8.86 10.01 -15.15
N GLU A 55 -9.57 10.87 -14.44
CA GLU A 55 -9.46 12.30 -14.72
C GLU A 55 -8.19 12.87 -14.09
N TYR A 56 -7.73 14.02 -14.59
CA TYR A 56 -6.52 14.64 -14.05
C TYR A 56 -6.68 16.17 -14.07
N ASN A 57 -6.51 16.79 -15.24
CA ASN A 57 -6.67 18.23 -15.35
C ASN A 57 -8.06 18.53 -15.88
N THR A 58 -8.87 19.17 -15.06
CA THR A 58 -10.24 19.51 -15.40
C THR A 58 -10.40 20.39 -16.64
N GLU A 59 -9.45 21.28 -16.89
CA GLU A 59 -9.51 22.15 -18.05
C GLU A 59 -9.31 21.43 -19.38
N GLU A 60 -8.79 20.21 -19.33
CA GLU A 60 -8.53 19.45 -20.55
C GLU A 60 -9.01 17.99 -20.51
N THR A 61 -9.41 17.49 -21.67
CA THR A 61 -9.92 16.13 -21.80
C THR A 61 -8.84 15.05 -21.83
N GLU A 62 -8.51 14.49 -20.66
CA GLU A 62 -7.52 13.43 -20.60
C GLU A 62 -8.09 12.15 -21.20
N PRO A 63 -7.35 11.52 -22.14
CA PRO A 63 -7.75 10.29 -22.84
C PRO A 63 -8.01 9.10 -21.90
N THR A 64 -7.62 9.24 -20.63
CA THR A 64 -7.75 8.21 -19.62
C THR A 64 -9.12 8.20 -18.94
N GLU A 65 -9.80 9.35 -19.00
CA GLU A 65 -11.11 9.54 -18.39
C GLU A 65 -12.08 8.45 -18.74
N GLN A 66 -12.86 8.00 -17.76
CA GLN A 66 -13.85 6.97 -17.97
C GLN A 66 -15.04 7.33 -17.10
N ARG A 67 -16.06 7.95 -17.71
CA ARG A 67 -17.24 8.37 -16.97
C ARG A 67 -18.22 7.24 -16.81
N ARG A 68 -18.99 7.28 -15.75
CA ARG A 68 -19.99 6.26 -15.50
C ARG A 68 -21.15 6.95 -14.82
N ASN A 69 -22.28 6.25 -14.70
CA ASN A 69 -23.43 6.85 -14.05
C ASN A 69 -23.79 6.00 -12.85
N VAL A 70 -24.11 6.67 -11.74
CA VAL A 70 -24.50 5.95 -10.52
C VAL A 70 -25.94 5.50 -10.65
N ILE A 71 -26.19 4.22 -10.40
CA ILE A 71 -27.53 3.68 -10.51
C ILE A 71 -28.09 3.43 -9.12
N ARG A 72 -27.20 3.36 -8.14
CA ARG A 72 -27.60 3.14 -6.76
C ARG A 72 -26.58 3.80 -5.85
N ALA A 73 -27.05 4.42 -4.78
CA ALA A 73 -26.18 5.08 -3.82
C ALA A 73 -26.62 4.57 -2.46
N ILE A 74 -25.84 3.66 -1.89
CA ILE A 74 -26.16 3.06 -0.60
C ILE A 74 -25.36 3.68 0.53
N PRO A 75 -25.91 4.69 1.21
CA PRO A 75 -25.13 5.26 2.31
C PRO A 75 -25.14 4.24 3.44
N HIS A 76 -24.24 4.38 4.41
CA HIS A 76 -24.23 3.43 5.52
C HIS A 76 -25.56 3.48 6.25
N HIS A 77 -26.15 2.31 6.46
CA HIS A 77 -27.44 2.14 7.14
C HIS A 77 -27.72 3.21 8.19
N SER A 78 -26.85 3.27 9.20
CA SER A 78 -27.01 4.22 10.28
C SER A 78 -26.26 5.52 10.03
N TYR A 79 -26.42 6.10 8.84
CA TYR A 79 -25.74 7.33 8.53
C TYR A 79 -26.21 8.49 9.41
N ASN A 80 -27.25 9.18 8.93
CA ASN A 80 -27.79 10.33 9.66
C ASN A 80 -29.29 10.39 9.45
N ALA A 81 -30.04 10.14 10.52
CA ALA A 81 -31.51 10.19 10.48
C ALA A 81 -31.95 11.63 10.68
N THR A 82 -31.15 12.36 11.47
CA THR A 82 -31.36 13.76 11.81
C THR A 82 -30.48 14.00 13.04
N VAL A 83 -29.21 13.70 12.87
CA VAL A 83 -28.23 13.83 13.92
C VAL A 83 -26.88 14.11 13.24
N ASN A 84 -25.79 14.17 14.01
CA ASN A 84 -24.45 14.45 13.49
C ASN A 84 -24.21 13.90 12.08
N LYS A 85 -24.36 14.77 11.09
CA LYS A 85 -24.20 14.42 9.68
C LYS A 85 -22.82 14.02 9.18
N TYR A 86 -21.97 13.51 10.06
CA TYR A 86 -20.65 13.07 9.65
C TYR A 86 -20.24 11.83 10.40
N SER A 87 -21.21 11.18 11.06
CA SER A 87 -20.89 9.96 11.80
C SER A 87 -20.44 8.89 10.81
N HIS A 88 -21.34 8.01 10.39
CA HIS A 88 -20.97 6.98 9.44
C HIS A 88 -20.98 7.59 8.03
N ASP A 89 -20.43 8.80 7.92
CA ASP A 89 -20.34 9.56 6.68
C ASP A 89 -19.57 8.74 5.61
N ILE A 90 -20.23 7.73 5.06
CA ILE A 90 -19.64 6.87 4.04
C ILE A 90 -20.78 6.30 3.20
N ALA A 91 -20.49 6.04 1.93
CA ALA A 91 -21.49 5.52 1.02
C ALA A 91 -20.83 4.83 -0.17
N LEU A 92 -21.58 3.91 -0.77
CA LEU A 92 -21.12 3.15 -1.93
C LEU A 92 -21.92 3.49 -3.18
N LEU A 93 -21.22 3.83 -4.26
CA LEU A 93 -21.87 4.18 -5.52
C LEU A 93 -21.69 3.03 -6.51
N GLU A 94 -22.80 2.48 -6.98
CA GLU A 94 -22.78 1.38 -7.95
C GLU A 94 -22.87 1.86 -9.37
N LEU A 95 -21.76 1.85 -10.08
CA LEU A 95 -21.72 2.30 -11.47
C LEU A 95 -22.48 1.29 -12.31
N ASP A 96 -23.19 1.78 -13.33
CA ASP A 96 -23.97 0.94 -14.23
C ASP A 96 -23.11 -0.01 -15.06
N GLU A 97 -22.17 0.56 -15.79
CA GLU A 97 -21.28 -0.21 -16.64
C GLU A 97 -19.92 -0.29 -15.99
N PRO A 98 -19.34 -1.50 -15.92
CA PRO A 98 -18.03 -1.66 -15.31
C PRO A 98 -17.00 -0.79 -16.00
N LEU A 99 -16.05 -0.29 -15.22
CA LEU A 99 -14.95 0.54 -15.72
C LEU A 99 -13.96 -0.41 -16.37
N THR A 100 -13.05 0.14 -17.16
CA THR A 100 -12.04 -0.67 -17.81
C THR A 100 -10.79 -0.50 -16.96
N LEU A 101 -10.46 -1.53 -16.20
CA LEU A 101 -9.29 -1.51 -15.32
C LEU A 101 -7.98 -1.38 -16.07
N ASN A 102 -7.18 -0.41 -15.67
CA ASN A 102 -5.89 -0.20 -16.31
C ASN A 102 -4.95 0.61 -15.40
N SER A 103 -3.79 0.96 -15.93
CA SER A 103 -2.79 1.72 -15.18
C SER A 103 -3.37 2.96 -14.51
N TYR A 104 -4.39 3.53 -15.12
CA TYR A 104 -5.04 4.72 -14.60
C TYR A 104 -6.36 4.43 -13.89
N VAL A 105 -6.84 3.20 -14.00
CA VAL A 105 -8.09 2.80 -13.35
C VAL A 105 -7.87 1.52 -12.56
N THR A 106 -7.37 1.68 -11.34
CA THR A 106 -7.07 0.57 -10.45
C THR A 106 -7.68 0.78 -9.08
N PRO A 107 -8.31 -0.25 -8.52
CA PRO A 107 -8.94 -0.15 -7.19
C PRO A 107 -7.93 0.03 -6.04
N ILE A 108 -8.40 0.38 -4.84
CA ILE A 108 -7.52 0.50 -3.69
C ILE A 108 -7.73 -0.77 -2.89
N CYS A 109 -6.76 -1.09 -2.05
CA CYS A 109 -6.89 -2.31 -1.27
C CYS A 109 -7.69 -2.03 0.00
N ILE A 110 -8.57 -2.97 0.33
CA ILE A 110 -9.40 -2.85 1.52
C ILE A 110 -8.88 -3.93 2.47
N ALA A 111 -8.27 -3.49 3.56
CA ALA A 111 -7.73 -4.38 4.56
C ALA A 111 -8.86 -4.83 5.46
N ASP A 112 -8.64 -5.88 6.25
CA ASP A 112 -9.69 -6.34 7.16
C ASP A 112 -9.77 -5.30 8.28
N LYS A 113 -10.65 -5.52 9.26
CA LYS A 113 -10.77 -4.57 10.36
C LYS A 113 -9.41 -4.31 11.04
N GLU A 114 -8.77 -5.39 11.50
CA GLU A 114 -7.47 -5.27 12.18
C GLU A 114 -6.43 -4.43 11.44
N TYR A 115 -5.93 -4.96 10.32
CA TYR A 115 -4.89 -4.29 9.54
C TYR A 115 -5.15 -2.85 9.11
N THR A 116 -6.40 -2.50 8.86
CA THR A 116 -6.72 -1.13 8.48
C THR A 116 -6.32 -0.17 9.62
N ASN A 117 -6.66 -0.53 10.85
CA ASN A 117 -6.29 0.32 11.98
C ASN A 117 -4.78 0.30 12.11
N ILE A 118 -4.19 -0.89 11.98
CA ILE A 118 -2.76 -1.03 12.05
C ILE A 118 -2.07 -0.04 11.10
N PHE A 119 -2.47 0.00 9.83
CA PHE A 119 -1.87 0.92 8.85
C PHE A 119 -2.21 2.39 9.10
N LEU A 120 -3.26 2.64 9.89
CA LEU A 120 -3.69 4.00 10.18
C LEU A 120 -2.71 4.61 11.15
N LYS A 121 -2.44 3.90 12.24
CA LYS A 121 -1.52 4.36 13.27
C LYS A 121 -0.04 4.32 12.92
N PHE A 122 0.28 4.00 11.66
CA PHE A 122 1.67 4.00 11.24
C PHE A 122 2.12 5.46 11.19
N GLY A 123 1.19 6.40 11.33
CA GLY A 123 1.59 7.80 11.36
C GLY A 123 1.19 8.73 10.22
N SER A 124 1.49 8.37 8.99
CA SER A 124 1.16 9.24 7.87
C SER A 124 0.33 8.58 6.79
N GLY A 125 -0.36 9.40 6.03
CA GLY A 125 -1.20 8.92 4.96
C GLY A 125 -1.37 9.98 3.90
N TYR A 126 -1.65 9.54 2.68
CA TYR A 126 -1.85 10.43 1.56
C TYR A 126 -3.33 10.72 1.39
N VAL A 127 -3.64 11.98 1.15
CA VAL A 127 -4.99 12.42 0.93
C VAL A 127 -4.94 13.16 -0.40
N SER A 128 -5.66 12.66 -1.39
CA SER A 128 -5.69 13.27 -2.70
C SER A 128 -7.10 13.74 -3.03
N GLY A 129 -7.22 14.87 -3.74
CA GLY A 129 -8.54 15.35 -4.09
C GLY A 129 -8.61 16.67 -4.83
N TRP A 130 -9.65 16.80 -5.65
CA TRP A 130 -9.90 18.01 -6.43
C TRP A 130 -10.76 18.91 -5.60
N GLY A 131 -10.20 20.00 -5.11
CA GLY A 131 -10.96 20.93 -4.30
C GLY A 131 -10.30 22.25 -4.04
N ARG A 132 -10.85 22.99 -3.10
CA ARG A 132 -10.34 24.31 -2.75
C ARG A 132 -8.86 24.23 -2.43
N VAL A 133 -8.09 25.03 -3.15
CA VAL A 133 -6.63 25.10 -2.97
C VAL A 133 -6.31 26.09 -1.86
N PHE A 134 -7.21 27.05 -1.68
CA PHE A 134 -7.09 28.06 -0.64
C PHE A 134 -8.38 27.86 0.16
N ASN A 135 -8.33 28.09 1.47
CA ASN A 135 -9.51 27.96 2.31
C ASN A 135 -10.55 28.88 1.68
N ARG A 136 -11.43 28.31 0.87
CA ARG A 136 -12.46 29.05 0.16
C ARG A 136 -11.86 30.11 -0.74
N GLY A 137 -10.95 29.68 -1.62
CA GLY A 137 -10.30 30.60 -2.53
C GLY A 137 -10.41 30.23 -3.99
N ARG A 138 -10.41 28.92 -4.27
CA ARG A 138 -10.51 28.42 -5.66
C ARG A 138 -10.48 26.89 -5.59
N SER A 139 -10.98 26.21 -6.62
CA SER A 139 -10.99 24.76 -6.61
C SER A 139 -9.81 24.17 -7.40
N ALA A 140 -9.56 22.89 -7.16
CA ALA A 140 -8.46 22.18 -7.79
C ALA A 140 -8.75 21.78 -9.22
N THR A 141 -8.00 22.35 -10.13
CA THR A 141 -8.15 22.05 -11.54
C THR A 141 -7.36 20.78 -11.88
N ILE A 142 -6.18 20.66 -11.29
CA ILE A 142 -5.30 19.50 -11.49
C ILE A 142 -5.21 18.76 -10.16
N LEU A 143 -5.48 17.45 -10.17
CA LEU A 143 -5.43 16.63 -8.96
C LEU A 143 -4.26 16.95 -8.02
N GLN A 144 -4.60 17.25 -6.76
CA GLN A 144 -3.63 17.60 -5.70
C GLN A 144 -3.58 16.53 -4.62
N TYR A 145 -2.40 16.39 -4.01
CA TYR A 145 -2.20 15.44 -2.94
C TYR A 145 -1.40 16.12 -1.82
N LEU A 146 -1.48 15.55 -0.62
CA LEU A 146 -0.81 16.05 0.58
C LEU A 146 -0.59 14.85 1.53
N LYS A 147 0.47 14.90 2.33
CA LYS A 147 0.75 13.82 3.28
C LYS A 147 0.37 14.35 4.67
N VAL A 148 -0.61 13.73 5.30
CA VAL A 148 -1.10 14.19 6.59
C VAL A 148 -0.93 13.23 7.79
N PRO A 149 -0.23 13.70 8.82
CA PRO A 149 0.09 13.01 10.07
C PRO A 149 -1.14 12.79 10.93
N LEU A 150 -1.35 11.53 11.29
CA LEU A 150 -2.46 11.11 12.14
C LEU A 150 -2.33 11.88 13.45
N VAL A 151 -3.38 12.60 13.84
CA VAL A 151 -3.36 13.37 15.09
C VAL A 151 -4.15 12.66 16.19
N ASP A 152 -3.47 12.40 17.30
CA ASP A 152 -4.05 11.70 18.45
C ASP A 152 -5.36 12.29 18.99
N ARG A 153 -6.15 11.42 19.61
CA ARG A 153 -7.44 11.76 20.20
C ARG A 153 -7.35 12.95 21.15
N ALA A 154 -6.58 12.79 22.22
CA ALA A 154 -6.40 13.82 23.24
C ALA A 154 -6.29 15.22 22.65
N THR A 155 -5.52 15.37 21.59
CA THR A 155 -5.37 16.67 20.98
C THR A 155 -6.58 17.01 20.12
N CYS A 156 -7.02 16.03 19.32
CA CYS A 156 -8.20 16.23 18.44
C CYS A 156 -9.39 16.73 19.27
N LEU A 157 -9.80 15.90 20.23
CA LEU A 157 -10.92 16.19 21.11
C LEU A 157 -10.91 17.60 21.69
N ARG A 158 -9.72 18.12 21.95
CA ARG A 158 -9.58 19.44 22.53
C ARG A 158 -9.75 20.58 21.52
N SER A 159 -9.23 20.38 20.32
CA SER A 159 -9.33 21.40 19.28
C SER A 159 -10.76 21.64 18.78
N THR A 160 -11.58 20.61 18.84
CA THR A 160 -12.96 20.71 18.38
C THR A 160 -13.99 20.73 19.51
N LYS A 161 -15.03 21.52 19.32
CA LYS A 161 -16.13 21.63 20.28
C LYS A 161 -17.01 20.41 20.00
N PHE A 162 -16.96 19.99 18.74
CA PHE A 162 -17.74 18.85 18.23
C PHE A 162 -17.27 17.53 18.79
N THR A 163 -18.22 16.73 19.27
CA THR A 163 -17.92 15.43 19.83
C THR A 163 -17.27 14.52 18.78
N ILE A 164 -15.96 14.38 18.87
CA ILE A 164 -15.20 13.55 17.94
C ILE A 164 -15.51 12.08 18.19
N TYR A 165 -16.49 11.55 17.47
CA TYR A 165 -16.89 10.16 17.62
C TYR A 165 -15.81 9.14 17.31
N SER A 166 -16.06 7.91 17.74
CA SER A 166 -15.15 6.79 17.52
C SER A 166 -14.98 6.57 16.03
N ASN A 167 -16.10 6.72 15.34
CA ASN A 167 -16.19 6.53 13.91
C ASN A 167 -15.16 7.35 13.15
N MET A 168 -14.61 8.39 13.77
CA MET A 168 -13.68 9.22 13.06
C MET A 168 -12.32 9.39 13.73
N PHE A 169 -11.46 10.18 13.10
CA PHE A 169 -10.14 10.46 13.63
C PHE A 169 -9.62 11.78 13.09
N CYS A 170 -8.61 12.33 13.74
CA CYS A 170 -8.07 13.60 13.29
C CYS A 170 -6.79 13.35 12.53
N ALA A 171 -6.39 14.34 11.74
CA ALA A 171 -5.18 14.26 10.95
C ALA A 171 -4.92 15.61 10.29
N GLY A 172 -3.71 16.14 10.47
CA GLY A 172 -3.38 17.41 9.89
C GLY A 172 -2.21 18.07 10.59
N PHE A 173 -1.68 19.13 10.01
CA PHE A 173 -0.54 19.82 10.60
C PHE A 173 -0.99 20.70 11.76
N HIS A 174 -0.27 20.62 12.87
CA HIS A 174 -0.58 21.39 14.07
C HIS A 174 -0.67 22.89 13.83
N GLU A 175 0.23 23.42 13.01
CA GLU A 175 0.20 24.85 12.68
C GLU A 175 -0.75 25.07 11.50
N GLY A 176 -1.10 26.32 11.24
CA GLY A 176 -2.01 26.61 10.15
C GLY A 176 -1.32 26.63 8.81
N GLY A 177 -1.83 25.87 7.84
CA GLY A 177 -1.21 25.86 6.54
C GLY A 177 -1.64 24.84 5.51
N LYS A 178 -1.64 23.56 5.87
CA LYS A 178 -1.99 22.50 4.95
C LYS A 178 -3.10 21.59 5.49
N ASP A 179 -4.06 21.27 4.62
CA ASP A 179 -5.21 20.41 4.96
C ASP A 179 -6.15 20.24 3.76
N SER A 180 -7.11 19.34 3.89
CA SER A 180 -8.10 19.12 2.86
C SER A 180 -9.15 20.21 3.08
N CYS A 181 -9.84 20.62 2.01
CA CYS A 181 -10.82 21.69 2.14
C CYS A 181 -12.12 21.27 1.44
N GLN A 182 -13.04 22.22 1.26
CA GLN A 182 -14.32 21.92 0.60
C GLN A 182 -14.02 21.39 -0.78
N GLY A 183 -14.75 20.35 -1.19
CA GLY A 183 -14.50 19.78 -2.50
C GLY A 183 -13.34 18.80 -2.38
N ASP A 184 -13.52 17.80 -1.52
CA ASP A 184 -12.50 16.80 -1.29
C ASP A 184 -13.17 15.62 -0.62
N SER A 185 -14.30 15.90 0.02
CA SER A 185 -15.06 14.88 0.71
C SER A 185 -15.20 13.63 -0.12
N GLY A 186 -15.22 12.48 0.54
CA GLY A 186 -15.36 11.24 -0.21
C GLY A 186 -14.06 10.81 -0.85
N GLY A 187 -13.11 11.74 -0.95
CA GLY A 187 -11.82 11.43 -1.54
C GLY A 187 -11.11 10.33 -0.74
N PRO A 188 -9.89 9.96 -1.11
CA PRO A 188 -9.28 8.91 -0.31
C PRO A 188 -8.27 9.41 0.72
N HIS A 189 -8.02 8.54 1.68
CA HIS A 189 -7.01 8.77 2.69
C HIS A 189 -6.35 7.40 2.65
N VAL A 190 -5.23 7.32 1.96
CA VAL A 190 -4.52 6.05 1.82
C VAL A 190 -3.17 6.01 2.54
N THR A 191 -2.81 4.83 3.00
CA THR A 191 -1.53 4.62 3.66
C THR A 191 -0.87 3.48 2.89
N GLU A 192 0.24 3.77 2.25
CA GLU A 192 0.94 2.75 1.49
C GLU A 192 1.92 2.00 2.38
N VAL A 193 1.86 0.67 2.37
CA VAL A 193 2.77 -0.11 3.16
C VAL A 193 3.66 -0.88 2.17
N GLU A 194 4.79 -0.28 1.83
CA GLU A 194 5.75 -0.88 0.91
C GLU A 194 5.17 -1.15 -0.48
N GLY A 195 4.90 -0.08 -1.23
CA GLY A 195 4.35 -0.25 -2.57
C GLY A 195 2.84 -0.35 -2.64
N THR A 196 2.30 -1.43 -2.09
CA THR A 196 0.86 -1.63 -2.10
C THR A 196 0.25 -0.51 -1.26
N SER A 197 -0.87 0.04 -1.71
CA SER A 197 -1.51 1.13 -0.97
C SER A 197 -2.92 0.73 -0.52
N PHE A 198 -3.24 0.98 0.76
CA PHE A 198 -4.54 0.64 1.31
C PHE A 198 -5.34 1.87 1.77
N LEU A 199 -6.64 1.67 1.94
CA LEU A 199 -7.56 2.74 2.36
C LEU A 199 -7.66 2.78 3.89
N THR A 200 -7.44 3.96 4.47
CA THR A 200 -7.54 4.12 5.93
C THR A 200 -8.36 5.36 6.30
N GLY A 201 -9.64 5.32 5.98
CA GLY A 201 -10.50 6.43 6.29
C GLY A 201 -10.86 7.29 5.09
N ILE A 202 -12.15 7.61 4.96
CA ILE A 202 -12.65 8.46 3.88
C ILE A 202 -12.52 9.88 4.36
N ILE A 203 -12.19 10.82 3.48
CA ILE A 203 -12.04 12.23 3.86
C ILE A 203 -13.39 12.90 3.99
N SER A 204 -13.75 13.20 5.23
CA SER A 204 -15.05 13.76 5.61
C SER A 204 -15.27 15.27 5.78
N TRP A 205 -14.78 15.86 6.87
CA TRP A 205 -15.03 17.28 7.12
C TRP A 205 -13.90 18.06 7.79
N GLY A 206 -14.26 19.24 8.30
CA GLY A 206 -13.30 20.09 9.00
C GLY A 206 -13.74 21.54 9.14
N GLU A 207 -13.62 22.11 10.34
CA GLU A 207 -13.99 23.51 10.57
C GLU A 207 -13.01 24.35 9.74
N GLU A 208 -13.48 24.96 8.67
CA GLU A 208 -12.63 25.77 7.80
C GLU A 208 -11.48 24.94 7.23
N CYS A 209 -10.43 25.59 6.73
CA CYS A 209 -9.29 24.86 6.19
C CYS A 209 -7.98 25.67 6.31
N ALA A 210 -6.87 24.97 6.54
CA ALA A 210 -5.54 25.57 6.64
C ALA A 210 -5.31 26.57 7.76
N VAL A 211 -6.06 26.46 8.85
CA VAL A 211 -5.87 27.39 9.96
C VAL A 211 -5.44 26.65 11.23
N LYS A 212 -4.41 27.17 11.90
CA LYS A 212 -3.86 26.57 13.11
C LYS A 212 -4.88 26.29 14.17
N GLY A 213 -4.61 25.26 14.96
CA GLY A 213 -5.51 24.88 16.03
C GLY A 213 -6.57 23.93 15.52
N LYS A 214 -6.69 23.82 14.20
CA LYS A 214 -7.66 22.94 13.60
C LYS A 214 -6.98 21.83 12.81
N TYR A 215 -7.66 20.69 12.72
CA TYR A 215 -7.17 19.52 12.02
C TYR A 215 -8.31 18.96 11.19
N GLY A 216 -7.98 18.35 10.05
CA GLY A 216 -9.00 17.74 9.23
C GLY A 216 -9.44 16.46 9.94
N ILE A 217 -10.72 16.17 9.90
CA ILE A 217 -11.22 14.96 10.55
C ILE A 217 -11.81 14.03 9.50
N TYR A 218 -11.36 12.79 9.52
CA TYR A 218 -11.74 11.79 8.53
C TYR A 218 -12.53 10.62 9.14
N THR A 219 -13.16 9.86 8.26
CA THR A 219 -13.97 8.72 8.67
C THR A 219 -13.14 7.45 8.89
N LYS A 220 -13.28 6.82 10.03
CA LYS A 220 -12.54 5.60 10.35
C LYS A 220 -13.03 4.40 9.56
N VAL A 221 -12.46 4.22 8.37
CA VAL A 221 -12.81 3.11 7.51
C VAL A 221 -12.78 1.78 8.23
N SER A 222 -11.89 1.66 9.21
CA SER A 222 -11.76 0.43 9.99
C SER A 222 -13.13 -0.09 10.44
N ARG A 223 -14.01 0.85 10.79
CA ARG A 223 -15.35 0.53 11.26
C ARG A 223 -16.27 -0.15 10.26
N TYR A 224 -16.26 0.32 9.02
CA TYR A 224 -17.15 -0.23 8.01
C TYR A 224 -16.48 -1.05 6.92
N VAL A 225 -15.17 -1.22 7.00
CA VAL A 225 -14.44 -1.99 5.99
C VAL A 225 -15.16 -3.30 5.64
N ASN A 226 -15.66 -3.98 6.66
CA ASN A 226 -16.37 -5.25 6.48
C ASN A 226 -17.68 -5.03 5.70
N TRP A 227 -18.37 -3.94 6.01
CA TRP A 227 -19.61 -3.58 5.34
C TRP A 227 -19.28 -3.46 3.85
N ILE A 228 -18.20 -2.75 3.56
CA ILE A 228 -17.74 -2.56 2.20
C ILE A 228 -17.53 -3.94 1.57
N LYS A 229 -16.80 -4.79 2.28
CA LYS A 229 -16.51 -6.13 1.81
C LYS A 229 -17.76 -6.87 1.33
N GLU A 230 -18.77 -6.94 2.19
CA GLU A 230 -20.01 -7.62 1.85
C GLU A 230 -20.84 -6.87 0.80
N LYS A 231 -20.79 -5.54 0.83
CA LYS A 231 -21.58 -4.73 -0.09
C LYS A 231 -21.13 -4.72 -1.55
N THR A 232 -19.85 -4.96 -1.81
CA THR A 232 -19.35 -4.94 -3.18
C THR A 232 -19.04 -6.32 -3.76
N LYS A 233 -19.57 -7.37 -3.15
CA LYS A 233 -19.31 -8.73 -3.62
C LYS A 233 -19.81 -8.94 -5.05
N LEU A 234 -18.97 -9.59 -5.87
CA LEU A 234 -19.30 -9.86 -7.26
C LEU A 234 -19.85 -11.26 -7.52
N THR A 235 -19.38 -12.23 -6.73
CA THR A 235 -19.83 -13.62 -6.84
C THR A 235 -19.95 -14.21 -5.44
N TYR B 1 47.83 -25.94 -10.71
CA TYR B 1 48.99 -26.27 -9.91
C TYR B 1 50.13 -25.33 -10.26
N ASN B 2 50.25 -24.96 -11.53
CA ASN B 2 51.36 -24.12 -11.98
C ASN B 2 52.69 -24.85 -11.81
N SER B 3 52.93 -25.88 -12.63
CA SER B 3 54.11 -26.69 -12.46
C SER B 3 54.46 -27.50 -13.70
N GLY B 4 53.68 -27.36 -14.77
CA GLY B 4 53.97 -28.10 -15.98
C GLY B 4 55.04 -27.42 -16.82
N LYS B 5 54.60 -26.62 -17.79
CA LYS B 5 55.52 -25.91 -18.66
C LYS B 5 54.78 -24.83 -19.42
N LEU B 6 54.81 -23.60 -18.90
CA LEU B 6 54.08 -22.51 -19.51
C LEU B 6 52.58 -22.71 -19.47
N CGU B 7 52.04 -22.81 -18.26
CA CGU B 7 50.61 -23.01 -18.10
C CGU B 7 49.90 -21.80 -17.49
O CGU B 7 48.68 -21.67 -17.60
CB CGU B 7 50.34 -24.24 -17.23
CG CGU B 7 50.82 -24.32 -15.79
CD1 CGU B 7 52.33 -24.12 -15.70
CD2 CGU B 7 50.59 -25.73 -15.25
OE11 CGU B 7 53.06 -24.81 -16.40
OE12 CGU B 7 52.76 -23.27 -14.93
OE21 CGU B 7 50.06 -25.86 -14.16
OE22 CGU B 7 50.94 -26.69 -15.94
H CGU B 7 52.63 -22.96 -17.49
N CGU B 8 50.67 -20.76 -17.15
CA CGU B 8 50.11 -19.44 -17.02
C CGU B 8 49.69 -18.83 -18.35
O CGU B 8 48.67 -18.14 -18.45
CB CGU B 8 51.12 -18.51 -16.36
CG CGU B 8 51.56 -18.79 -14.94
CD1 CGU B 8 50.74 -17.95 -13.96
CD2 CGU B 8 53.01 -18.38 -14.75
OE11 CGU B 8 50.53 -16.78 -14.23
OE12 CGU B 8 50.32 -18.50 -12.94
OE21 CGU B 8 53.64 -18.90 -13.83
OE22 CGU B 8 53.50 -17.55 -15.51
H CGU B 8 51.64 -20.89 -17.10
N PHE B 9 50.46 -19.10 -19.40
CA PHE B 9 50.22 -18.47 -20.69
C PHE B 9 48.92 -18.93 -21.33
N VAL B 10 48.16 -19.80 -20.67
CA VAL B 10 46.89 -20.25 -21.20
C VAL B 10 45.76 -19.67 -20.38
N ARG B 11 44.61 -19.38 -21.01
CA ARG B 11 43.49 -18.85 -20.26
C ARG B 11 43.09 -19.81 -19.16
N GLY B 12 42.90 -19.28 -17.96
CA GLY B 12 42.62 -20.13 -16.81
C GLY B 12 41.39 -20.99 -17.03
N ASN B 13 41.48 -22.26 -16.65
CA ASN B 13 40.34 -23.15 -16.75
C ASN B 13 40.17 -23.82 -15.40
N LEU B 14 39.32 -23.26 -14.54
CA LEU B 14 39.35 -23.66 -13.15
C LEU B 14 38.87 -25.08 -12.89
N CGU B 15 38.08 -25.67 -13.80
CA CGU B 15 38.02 -27.13 -13.87
C CGU B 15 39.36 -27.80 -13.68
O CGU B 15 39.52 -28.73 -12.89
CB CGU B 15 37.46 -27.56 -15.23
CG CGU B 15 35.96 -27.45 -15.44
CD1 CGU B 15 35.47 -28.70 -16.16
CD2 CGU B 15 35.58 -26.12 -16.06
OE11 CGU B 15 36.24 -29.65 -16.29
OE12 CGU B 15 34.30 -28.73 -16.54
OE21 CGU B 15 34.46 -25.68 -15.84
OE22 CGU B 15 36.42 -25.53 -16.75
H CGU B 15 37.76 -25.16 -14.56
N ARG B 16 40.35 -27.29 -14.41
CA ARG B 16 41.70 -27.79 -14.30
C ARG B 16 42.36 -27.37 -12.99
N CGU B 17 42.72 -26.09 -12.86
CA CGU B 17 43.61 -25.68 -11.80
C CGU B 17 43.08 -25.95 -10.39
O CGU B 17 43.76 -26.51 -9.55
CB CGU B 17 43.95 -24.20 -11.91
CG CGU B 17 44.88 -23.69 -13.02
CD1 CGU B 17 44.08 -23.17 -14.19
CD2 CGU B 17 45.93 -24.76 -13.32
OE11 CGU B 17 43.05 -23.77 -14.53
OE12 CGU B 17 44.48 -22.17 -14.78
OE21 CGU B 17 47.04 -24.63 -12.83
OE22 CGU B 17 45.62 -25.70 -14.07
H CGU B 17 42.61 -25.50 -13.64
N CYS B 18 41.82 -25.57 -10.10
CA CYS B 18 41.36 -25.63 -8.73
C CYS B 18 41.23 -26.99 -8.08
N ILE B 19 40.34 -27.88 -8.49
CA ILE B 19 40.19 -29.12 -7.74
C ILE B 19 40.71 -30.26 -8.58
N CGU B 20 41.89 -30.06 -9.15
CA CGU B 20 42.81 -31.18 -9.23
C CGU B 20 43.45 -31.54 -7.92
O CGU B 20 43.18 -32.59 -7.33
CB CGU B 20 43.90 -30.93 -10.28
CG CGU B 20 43.40 -31.03 -11.70
CD1 CGU B 20 42.02 -31.61 -11.56
CD2 CGU B 20 44.38 -31.77 -12.61
OE11 CGU B 20 41.90 -32.83 -11.53
OE12 CGU B 20 41.09 -30.81 -11.43
OE21 CGU B 20 44.78 -31.22 -13.63
OE22 CGU B 20 44.72 -32.91 -12.28
H CGU B 20 42.11 -29.19 -9.56
N CGU B 21 44.63 -30.94 -7.77
CA CGU B 21 45.27 -30.93 -6.49
C CGU B 21 44.37 -30.00 -5.69
O CGU B 21 43.41 -30.44 -5.06
CB CGU B 21 46.66 -30.36 -6.69
CG CGU B 21 47.48 -30.87 -7.89
CD1 CGU B 21 47.09 -30.09 -9.16
CD2 CGU B 21 47.39 -32.40 -7.98
OE11 CGU B 21 46.41 -29.09 -9.05
OE12 CGU B 21 47.50 -30.52 -10.23
OE21 CGU B 21 46.33 -32.93 -8.31
OE22 CGU B 21 48.41 -33.04 -7.74
H CGU B 21 44.84 -30.19 -8.36
N LYS B 22 44.62 -28.69 -5.80
CA LYS B 22 43.90 -27.66 -5.05
C LYS B 22 44.42 -26.30 -5.53
N CYS B 23 43.57 -25.34 -5.90
CA CYS B 23 44.12 -24.13 -6.49
C CYS B 23 44.23 -23.01 -5.48
N SER B 24 44.95 -21.96 -5.88
CA SER B 24 45.00 -20.74 -5.10
C SER B 24 43.73 -19.94 -5.30
N PHE B 25 43.61 -18.80 -4.62
CA PHE B 25 42.44 -17.98 -4.83
C PHE B 25 42.59 -17.12 -6.07
N CGU B 26 43.82 -16.83 -6.46
CA CGU B 26 44.04 -15.95 -7.60
C CGU B 26 43.78 -16.69 -8.90
O CGU B 26 43.17 -16.16 -9.84
CB CGU B 26 45.47 -15.45 -7.60
CG CGU B 26 45.92 -14.50 -6.48
CD1 CGU B 26 45.56 -15.12 -5.14
CD2 CGU B 26 45.39 -13.13 -6.80
OE11 CGU B 26 46.39 -15.83 -4.55
OE12 CGU B 26 44.43 -14.93 -4.70
OE21 CGU B 26 46.19 -12.23 -7.04
OE22 CGU B 26 44.17 -12.98 -6.80
H CGU B 26 44.57 -16.96 -5.84
N CGU B 27 44.43 -17.83 -9.00
CA CGU B 27 44.05 -18.81 -9.99
C CGU B 27 42.54 -18.87 -10.14
O CGU B 27 42.00 -18.69 -11.23
CB CGU B 27 44.60 -20.19 -9.61
CG CGU B 27 46.09 -20.48 -9.74
CD1 CGU B 27 46.36 -21.85 -9.12
CD2 CGU B 27 46.93 -19.33 -9.18
OE11 CGU B 27 46.94 -21.91 -8.04
OE12 CGU B 27 46.00 -22.84 -9.76
OE21 CGU B 27 47.86 -18.91 -9.86
OE22 CGU B 27 46.68 -18.87 -8.07
H CGU B 27 44.84 -18.16 -8.17
N ALA B 28 41.83 -19.07 -9.04
CA ALA B 28 40.38 -19.13 -9.09
C ALA B 28 39.72 -17.82 -9.48
N ARG B 29 40.37 -16.71 -9.19
CA ARG B 29 39.73 -15.43 -9.41
C ARG B 29 39.79 -14.95 -10.86
N CGU B 30 40.97 -14.86 -11.46
CA CGU B 30 41.05 -14.54 -12.88
C CGU B 30 40.22 -15.44 -13.76
O CGU B 30 39.84 -15.07 -14.88
CB CGU B 30 42.50 -14.58 -13.36
CG CGU B 30 43.27 -13.27 -13.59
CD1 CGU B 30 44.62 -13.33 -12.90
CD2 CGU B 30 42.40 -12.08 -13.18
OE11 CGU B 30 44.70 -13.84 -11.79
OE12 CGU B 30 45.59 -12.87 -13.51
OE21 CGU B 30 42.04 -11.28 -14.04
OE22 CGU B 30 42.09 -11.98 -11.99
H CGU B 30 41.79 -14.96 -10.94
N VAL B 31 39.90 -16.64 -13.30
CA VAL B 31 39.09 -17.54 -14.10
C VAL B 31 37.62 -17.30 -13.83
N PHE B 32 37.27 -16.95 -12.60
CA PHE B 32 35.89 -16.61 -12.35
C PHE B 32 35.45 -15.27 -12.90
N CGU B 33 36.27 -14.23 -12.85
CA CGU B 33 35.87 -12.88 -13.24
C CGU B 33 34.98 -12.26 -12.17
O CGU B 33 35.46 -11.45 -11.38
CB CGU B 33 35.13 -12.88 -14.58
CG CGU B 33 34.78 -11.61 -15.36
CD1 CGU B 33 36.08 -10.95 -15.79
CD2 CGU B 33 33.64 -10.89 -14.67
OE11 CGU B 33 36.74 -10.35 -14.94
OE12 CGU B 33 36.41 -11.03 -16.97
OE21 CGU B 33 32.50 -11.11 -15.06
OE22 CGU B 33 33.90 -10.10 -13.76
H CGU B 33 37.22 -14.42 -12.68
N ASN B 34 33.67 -12.57 -12.09
CA ASN B 34 32.89 -11.94 -11.04
C ASN B 34 33.31 -12.52 -9.73
N THR B 35 33.64 -11.59 -8.86
CA THR B 35 34.36 -11.95 -7.67
C THR B 35 33.58 -11.73 -6.38
N CGU B 36 32.34 -11.23 -6.46
CA CGU B 36 31.32 -11.89 -5.69
C CGU B 36 31.44 -13.40 -5.81
O CGU B 36 31.93 -14.09 -4.91
CB CGU B 36 29.98 -11.38 -6.20
CG CGU B 36 29.43 -9.99 -5.82
CD1 CGU B 36 30.48 -9.13 -5.13
CD2 CGU B 36 28.24 -10.15 -4.88
OE11 CGU B 36 31.05 -9.55 -4.13
OE12 CGU B 36 30.70 -8.02 -5.60
OE21 CGU B 36 27.11 -10.11 -5.35
OE22 CGU B 36 28.45 -10.33 -3.69
H CGU B 36 32.06 -10.81 -7.29
N LYS B 37 31.07 -13.97 -6.96
CA LYS B 37 30.96 -15.41 -7.13
C LYS B 37 32.17 -16.21 -6.68
N THR B 38 33.34 -15.58 -6.62
CA THR B 38 34.54 -16.22 -6.11
C THR B 38 34.56 -16.33 -4.59
N ASN B 39 34.04 -15.31 -3.91
CA ASN B 39 34.07 -15.25 -2.46
C ASN B 39 33.34 -16.42 -1.80
N CGU B 40 32.32 -16.91 -2.50
CA CGU B 40 31.51 -18.02 -2.01
C CGU B 40 31.82 -19.37 -2.61
O CGU B 40 31.71 -20.37 -1.90
CB CGU B 40 30.08 -17.74 -2.28
CG CGU B 40 29.97 -16.87 -3.48
CD1 CGU B 40 29.62 -15.47 -2.99
CD2 CGU B 40 29.23 -17.65 -4.50
OE11 CGU B 40 29.09 -15.32 -1.89
OE12 CGU B 40 29.86 -14.52 -3.74
OE21 CGU B 40 28.05 -17.77 -4.28
OE22 CGU B 40 29.84 -18.10 -5.47
H CGU B 40 31.94 -16.29 -3.14
N PHE B 41 32.24 -19.46 -3.88
CA PHE B 41 32.87 -20.70 -4.38
C PHE B 41 33.81 -21.20 -3.30
N TRP B 42 34.23 -20.12 -2.66
CA TRP B 42 35.28 -20.06 -1.69
C TRP B 42 35.05 -20.57 -0.28
N LYS B 43 34.22 -19.89 0.50
CA LYS B 43 33.91 -20.34 1.85
C LYS B 43 33.34 -21.75 1.96
N GLN B 44 33.00 -22.40 0.85
CA GLN B 44 32.53 -23.78 0.93
C GLN B 44 33.64 -24.79 0.78
N TYR B 45 34.70 -24.30 0.15
CA TYR B 45 35.71 -25.19 -0.34
C TYR B 45 36.47 -25.72 0.87
N VAL B 46 36.83 -24.89 1.86
CA VAL B 46 37.72 -25.41 2.89
C VAL B 46 37.29 -25.09 4.30
N ASP B 47 37.66 -23.88 4.74
CA ASP B 47 37.84 -23.70 6.18
C ASP B 47 36.57 -23.91 6.98
N GLY B 48 36.74 -24.95 7.81
CA GLY B 48 35.71 -25.89 8.21
C GLY B 48 34.31 -25.33 8.26
N ASP B 49 33.57 -25.57 7.15
CA ASP B 49 32.31 -24.92 6.80
C ASP B 49 31.45 -24.76 8.04
N GLN B 50 31.42 -23.51 8.56
CA GLN B 50 30.94 -23.30 9.93
C GLN B 50 29.50 -23.85 9.96
N CYS B 51 28.99 -24.09 8.76
CA CYS B 51 27.66 -24.66 8.54
C CYS B 51 27.69 -26.17 8.82
N GLU B 52 28.76 -26.61 9.46
CA GLU B 52 28.99 -28.01 9.83
C GLU B 52 27.66 -28.57 10.40
N PRO B 53 27.33 -29.84 10.12
CA PRO B 53 26.10 -30.49 10.59
C PRO B 53 24.94 -29.56 10.90
N ASN B 54 24.43 -28.96 9.82
CA ASN B 54 23.32 -28.01 9.82
C ASN B 54 22.70 -27.62 11.17
N PRO B 55 23.08 -26.43 11.66
CA PRO B 55 22.58 -25.90 12.92
C PRO B 55 21.11 -25.51 12.82
N CYS B 56 20.76 -24.70 11.82
CA CYS B 56 19.36 -24.29 11.69
C CYS B 56 18.51 -25.48 11.39
N LEU B 57 17.58 -25.75 12.30
CA LEU B 57 16.66 -26.86 12.17
C LEU B 57 15.33 -26.38 11.59
N ASN B 58 14.27 -27.19 11.74
CA ASN B 58 12.96 -26.85 11.20
C ASN B 58 13.12 -26.43 9.74
N GLY B 59 13.79 -27.30 8.98
CA GLY B 59 14.02 -27.07 7.57
C GLY B 59 14.80 -25.82 7.20
N GLY B 60 15.44 -25.19 8.19
CA GLY B 60 16.19 -23.98 7.92
C GLY B 60 17.33 -24.21 6.95
N LEU B 61 17.58 -23.21 6.13
CA LEU B 61 18.65 -23.26 5.16
C LEU B 61 19.83 -22.55 5.75
N CYS B 62 20.88 -23.30 6.09
CA CYS B 62 22.07 -22.68 6.65
C CYS B 62 22.94 -22.14 5.54
N LYS B 63 23.43 -20.92 5.73
CA LYS B 63 24.30 -20.30 4.76
C LYS B 63 25.59 -19.84 5.45
N BHD B 64 26.67 -20.61 5.22
CA BHD B 64 27.99 -20.33 5.79
CB BHD B 64 28.93 -21.57 5.67
OB BHD B 64 30.11 -21.39 6.45
CG BHD B 64 29.29 -21.76 4.22
OD1 BHD B 64 28.38 -22.04 3.41
OD2 BHD B 64 30.50 -21.64 3.89
C BHD B 64 28.66 -19.09 5.18
O BHD B 64 28.28 -18.59 4.13
H BHD B 64 26.49 -21.38 4.66
HOB BHD B 64 30.66 -20.61 6.21
N ASP B 65 29.66 -18.58 5.91
CA ASP B 65 30.45 -17.40 5.52
C ASP B 65 31.90 -17.69 5.90
N ILE B 66 32.82 -16.75 5.60
CA ILE B 66 34.24 -16.94 5.95
C ILE B 66 34.38 -17.29 7.44
N ASN B 67 33.89 -16.38 8.26
CA ASN B 67 33.94 -16.47 9.71
C ASN B 67 32.67 -17.05 10.31
N SER B 68 31.55 -16.39 10.04
CA SER B 68 30.27 -16.80 10.59
C SER B 68 29.40 -17.61 9.63
N TYR B 69 28.09 -17.51 9.83
CA TYR B 69 27.09 -18.20 9.02
C TYR B 69 25.75 -17.76 9.59
N GLU B 70 24.68 -17.81 8.81
CA GLU B 70 23.34 -17.45 9.32
C GLU B 70 22.26 -18.45 8.98
N CYS B 71 21.00 -18.06 9.05
CA CYS B 71 19.95 -19.00 8.72
C CYS B 71 18.67 -18.44 8.17
N TRP B 72 18.29 -19.01 7.04
CA TRP B 72 17.09 -18.62 6.34
C TRP B 72 16.08 -19.70 6.77
N CYS B 73 14.95 -19.28 7.35
CA CYS B 73 13.96 -20.24 7.85
C CYS B 73 12.64 -20.44 7.10
N GLN B 74 12.50 -19.92 5.89
CA GLN B 74 11.25 -20.11 5.16
C GLN B 74 10.05 -19.52 5.92
N VAL B 75 9.24 -20.37 6.56
CA VAL B 75 8.04 -19.88 7.24
C VAL B 75 7.68 -20.60 8.53
N GLY B 76 7.08 -19.85 9.46
CA GLY B 76 6.65 -20.42 10.72
C GLY B 76 7.72 -20.67 11.77
N PHE B 77 8.93 -20.15 11.54
CA PHE B 77 10.03 -20.32 12.48
C PHE B 77 10.90 -19.08 12.57
N GLU B 78 11.15 -18.66 13.80
CA GLU B 78 11.96 -17.49 14.07
C GLU B 78 13.19 -17.90 14.89
N GLY B 79 14.11 -16.95 15.08
CA GLY B 79 15.32 -17.18 15.85
C GLY B 79 16.50 -17.60 14.99
N LYS B 80 17.70 -17.16 15.36
CA LYS B 80 18.92 -17.45 14.62
C LYS B 80 19.15 -18.91 14.21
N ASN B 81 18.39 -19.82 14.79
CA ASN B 81 18.53 -21.24 14.49
C ASN B 81 17.17 -21.85 14.18
N CYS B 82 16.20 -21.01 13.83
CA CYS B 82 14.82 -21.44 13.54
C CYS B 82 14.35 -22.44 14.60
N GLU B 83 14.48 -22.06 15.86
CA GLU B 83 14.07 -22.91 16.96
C GLU B 83 12.73 -22.41 17.42
N LEU B 84 12.64 -21.09 17.50
CA LEU B 84 11.45 -20.41 17.93
C LEU B 84 10.42 -20.44 16.81
N ASP B 85 9.15 -20.51 17.19
CA ASP B 85 8.05 -20.54 16.24
C ASP B 85 7.66 -19.11 15.93
N ALA B 86 7.20 -18.86 14.72
CA ALA B 86 6.81 -17.51 14.34
C ALA B 86 5.41 -17.25 14.88
N THR B 87 5.27 -16.18 15.66
CA THR B 87 3.99 -15.77 16.23
C THR B 87 3.62 -14.48 15.52
N CYS B 88 2.35 -14.32 15.19
CA CYS B 88 1.92 -13.14 14.43
C CYS B 88 2.35 -11.74 14.86
N ASN B 89 2.94 -11.59 16.05
CA ASN B 89 3.36 -10.28 16.54
C ASN B 89 4.81 -9.87 16.32
N ILE B 90 5.73 -10.83 16.20
CA ILE B 90 7.13 -10.48 15.96
C ILE B 90 7.40 -10.42 14.47
N LYS B 91 7.61 -9.20 14.00
CA LYS B 91 7.87 -8.90 12.59
C LYS B 91 6.83 -9.49 11.65
N ASN B 92 5.59 -9.06 11.84
CA ASN B 92 4.42 -9.47 11.06
C ASN B 92 4.26 -10.96 10.80
N GLY B 93 4.99 -11.78 11.57
CA GLY B 93 4.94 -13.22 11.40
C GLY B 93 5.67 -13.67 10.15
N ARG B 94 6.41 -12.73 9.56
CA ARG B 94 7.17 -12.94 8.34
C ARG B 94 6.32 -12.86 7.08
N CYS B 95 5.01 -12.69 7.23
CA CYS B 95 4.13 -12.58 6.09
C CYS B 95 4.17 -11.17 5.54
N LYS B 96 4.13 -11.06 4.22
CA LYS B 96 4.19 -9.78 3.53
C LYS B 96 2.87 -9.04 3.58
N GLN B 97 1.80 -9.75 3.92
CA GLN B 97 0.50 -9.10 4.04
C GLN B 97 -0.20 -9.43 5.34
N PHE B 98 -1.12 -10.39 5.36
CA PHE B 98 -1.85 -10.68 6.59
C PHE B 98 -1.55 -12.03 7.24
N CYS B 99 -1.33 -12.04 8.54
CA CYS B 99 -1.08 -13.29 9.22
C CYS B 99 -1.94 -13.41 10.47
N LYS B 100 -2.40 -14.63 10.71
CA LYS B 100 -3.22 -14.93 11.86
C LYS B 100 -2.85 -16.30 12.41
N THR B 101 -2.84 -16.41 13.73
CA THR B 101 -2.52 -17.66 14.39
C THR B 101 -3.76 -18.53 14.22
N GLY B 102 -3.66 -19.85 14.33
CA GLY B 102 -4.85 -20.67 14.18
C GLY B 102 -4.64 -22.17 14.11
N ALA B 103 -5.62 -22.93 14.60
CA ALA B 103 -5.60 -24.40 14.60
C ALA B 103 -4.45 -25.02 15.40
N ASP B 104 -3.54 -24.17 15.85
CA ASP B 104 -2.37 -24.56 16.61
C ASP B 104 -1.74 -23.26 17.11
N SER B 105 -0.44 -23.10 16.99
CA SER B 105 0.20 -21.87 17.45
C SER B 105 1.05 -21.16 16.40
N LYS B 106 1.35 -21.84 15.30
CA LYS B 106 2.18 -21.23 14.26
C LYS B 106 1.35 -20.33 13.36
N VAL B 107 2.01 -19.35 12.76
CA VAL B 107 1.35 -18.41 11.87
C VAL B 107 0.76 -19.06 10.63
N LEU B 108 0.08 -18.24 9.85
CA LEU B 108 -0.58 -18.63 8.61
C LEU B 108 -0.82 -17.32 7.89
N CYS B 109 -0.14 -17.13 6.77
CA CYS B 109 -0.26 -15.89 6.00
C CYS B 109 -1.43 -15.84 5.03
N SER B 110 -1.60 -14.68 4.39
CA SER B 110 -2.66 -14.44 3.41
C SER B 110 -2.40 -13.10 2.71
N CYS B 111 -3.25 -12.79 1.74
CA CYS B 111 -3.10 -11.58 0.97
C CYS B 111 -4.50 -11.01 0.68
N THR B 112 -4.57 -9.75 0.25
CA THR B 112 -5.87 -9.11 -0.04
C THR B 112 -6.39 -9.57 -1.39
N THR B 113 -7.69 -9.40 -1.60
CA THR B 113 -8.32 -9.78 -2.86
C THR B 113 -7.53 -9.22 -4.06
N GLY B 114 -7.12 -10.13 -4.92
CA GLY B 114 -6.35 -9.73 -6.09
C GLY B 114 -4.99 -10.40 -6.07
N TYR B 115 -4.41 -10.54 -4.88
CA TYR B 115 -3.11 -11.17 -4.76
C TYR B 115 -3.29 -12.61 -4.28
N ARG B 116 -2.26 -13.42 -4.49
CA ARG B 116 -2.24 -14.82 -4.10
C ARG B 116 -0.93 -15.05 -3.33
N LEU B 117 -0.94 -16.05 -2.48
CA LEU B 117 0.22 -16.38 -1.66
C LEU B 117 1.30 -17.10 -2.46
N ALA B 118 2.50 -16.53 -2.47
CA ALA B 118 3.64 -17.09 -3.20
C ALA B 118 3.98 -18.48 -2.66
N PRO B 119 4.83 -19.23 -3.38
CA PRO B 119 5.19 -20.57 -2.90
C PRO B 119 5.96 -20.61 -1.57
N ASP B 120 6.52 -19.48 -1.13
CA ASP B 120 7.23 -19.45 0.14
C ASP B 120 6.27 -19.38 1.31
N GLN B 121 5.00 -19.13 1.00
CA GLN B 121 3.94 -19.04 2.00
C GLN B 121 3.96 -17.74 2.82
N LYS B 122 4.62 -16.71 2.29
CA LYS B 122 4.72 -15.43 2.98
C LYS B 122 4.59 -14.21 2.06
N SER B 123 4.85 -14.37 0.77
CA SER B 123 4.77 -13.23 -0.13
C SER B 123 3.48 -13.19 -0.93
N CYS B 124 3.21 -12.05 -1.55
CA CYS B 124 1.98 -11.89 -2.33
C CYS B 124 2.26 -11.52 -3.79
N LYS B 125 1.74 -12.31 -4.71
CA LYS B 125 1.90 -12.07 -6.13
C LYS B 125 0.51 -11.82 -6.66
N PRO B 126 0.38 -10.89 -7.61
CA PRO B 126 -0.91 -10.55 -8.20
C PRO B 126 -1.60 -11.81 -8.75
N ALA B 127 -2.86 -11.64 -9.15
CA ALA B 127 -3.67 -12.71 -9.74
C ALA B 127 -4.77 -11.98 -10.48
N VAL B 128 -4.37 -10.88 -11.10
CA VAL B 128 -5.24 -10.01 -11.86
C VAL B 128 -4.29 -8.97 -12.45
N PRO B 129 -4.39 -8.73 -13.77
CA PRO B 129 -3.49 -7.74 -14.38
C PRO B 129 -3.41 -6.43 -13.62
N PHE B 130 -4.48 -6.07 -12.93
CA PHE B 130 -4.48 -4.82 -12.17
C PHE B 130 -4.90 -5.05 -10.74
N PRO B 131 -3.93 -5.41 -9.90
CA PRO B 131 -4.14 -5.68 -8.47
C PRO B 131 -4.39 -4.36 -7.76
N CYS B 132 -5.10 -4.44 -6.63
CA CYS B 132 -5.43 -3.26 -5.85
C CYS B 132 -4.27 -2.50 -5.25
N GLY B 133 -4.36 -1.19 -5.30
CA GLY B 133 -3.37 -0.33 -4.72
C GLY B 133 -1.98 -0.13 -5.30
N ARG B 134 -1.76 -0.44 -6.57
CA ARG B 134 -0.41 -0.21 -7.09
C ARG B 134 -0.30 0.90 -8.10
N VAL B 135 0.62 1.84 -7.90
CA VAL B 135 0.82 2.91 -8.86
C VAL B 135 1.39 2.23 -10.10
N SER B 136 0.61 2.20 -11.17
CA SER B 136 1.02 1.52 -12.40
C SER B 136 1.96 2.23 -13.36
N VAL B 137 1.84 3.54 -13.51
CA VAL B 137 2.72 4.28 -14.43
C VAL B 137 4.21 4.16 -14.11
N SER B 138 4.56 4.26 -12.83
CA SER B 138 5.96 4.16 -12.42
C SER B 138 6.55 2.79 -12.72
N HIS B 139 5.80 1.74 -12.38
CA HIS B 139 6.24 0.36 -12.60
C HIS B 139 6.46 0.03 -14.07
N SER B 140 5.45 0.29 -14.89
CA SER B 140 5.53 0.00 -16.32
C SER B 140 6.66 0.75 -17.03
N PRO B 141 7.54 0.03 -17.74
CA PRO B 141 7.52 -1.43 -17.90
C PRO B 141 8.18 -2.16 -16.73
N THR B 142 9.32 -1.66 -16.28
CA THR B 142 10.06 -2.24 -15.17
C THR B 142 10.97 -1.13 -14.65
N THR B 143 10.35 -0.03 -14.24
CA THR B 143 11.09 1.13 -13.74
C THR B 143 10.58 1.61 -12.39
N LEU B 144 11.12 2.74 -11.94
CA LEU B 144 10.75 3.33 -10.66
C LEU B 144 10.99 4.84 -10.74
N THR B 145 10.18 5.61 -10.02
CA THR B 145 10.33 7.06 -10.01
C THR B 145 11.56 7.39 -9.19
N ARG B 146 12.64 7.76 -9.87
CA ARG B 146 13.90 8.12 -9.23
C ARG B 146 13.92 9.60 -8.85
N 0G6 C . -17.64 23.29 7.16
CA 0G6 C . -18.32 22.11 7.76
C 0G6 C . -17.96 20.85 7.01
O 0G6 C . -16.78 20.54 6.84
CB 0G6 C . -17.96 21.98 9.23
CG 0G6 C . -19.10 22.27 10.14
CD1 0G6 C . -19.49 23.58 10.37
CD2 0G6 C . -19.80 21.24 10.74
CE1 0G6 C . -20.58 23.86 11.19
CE2 0G6 C . -20.89 21.51 11.56
CZ 0G6 C . -21.28 22.82 11.78
N1 0G6 C . -18.97 20.09 6.59
CA1 0G6 C . -18.71 18.84 5.85
C1 0G6 C . -18.20 19.22 4.47
O1 0G6 C . -18.60 20.25 3.92
CB1 0G6 C . -20.08 18.18 5.81
CG1 0G6 C . -21.01 19.32 5.74
CD 0G6 C . -20.42 20.28 6.76
N2 0G6 C . -17.28 18.42 3.94
CA2 0G6 C . -16.71 18.68 2.62
C2 0G6 C . -17.15 17.64 1.61
C2 0G6 C . -18.61 17.10 1.65
O2 0G6 C . -16.85 18.37 0.39
O2 0G6 C . -17.68 18.77 0.08
CB2 0G6 C . -15.17 18.69 2.70
CG2 0G6 C . -14.60 19.78 3.58
CD3 0G6 C . -13.81 19.20 4.76
NE 0G6 C . -13.12 20.23 5.53
CZ1 0G6 C . -11.89 20.12 5.99
NH1 0G6 C . -11.32 21.12 6.65
NH2 0G6 C . -11.20 19.00 5.79
H2 0G6 C . -17.95 24.16 7.62
H3 0G6 C . -16.62 23.11 7.19
H 0G6 C . -17.99 23.24 6.19
H1 0G6 C . -16.95 17.63 4.42
HE 0G6 C . -13.62 21.07 5.69
HH11 0G6 C . -10.39 21.06 6.99
HH12 0G6 C . -11.76 22.02 6.79
HH21 0G6 C . -11.60 18.24 5.27
HH22 0G6 C . -10.26 18.86 6.11
#